data_6C1C
#
_entry.id   6C1C
#
_cell.length_a   213.293
_cell.length_b   52.035
_cell.length_c   66.045
_cell.angle_alpha   90.00
_cell.angle_beta   107.08
_cell.angle_gamma   90.00
#
_symmetry.space_group_name_H-M   'C 1 2 1'
#
loop_
_entity.id
_entity.type
_entity.pdbx_description
1 polymer 'Fibroblast growth factor receptor 1'
2 non-polymer 7-(cyclohexylamino)-3-(2,6-dichloro-3,5-dimethoxyphenyl)-1-{(3S)-1-[(2E)-4-(dimethylamino)but-2-enoyl]pyrrolidin-3-yl}-3,4-dihydropyrimido[4,5-d]pyrimidin-2(1H)-one
3 non-polymer 'SULFATE ION'
4 water water
#
_entity_poly.entity_id   1
_entity_poly.type   'polypeptide(L)'
_entity_poly.pdbx_seq_one_letter_code
;GAMSGVSEYELPEDPRWELPRDRLVLGKPLGEGAFGQVVLAEAIGLDKDKPNRVTKVAVKMLKSDATEKDLSDLISEMEM
MKMIGKHKNIINLLGACTQDGPLYVIVEYASKGNLREYLQARRPPGLEYSYNPSHNPEEQLSSKDLVSCAYQVARGMEYL
ASKKCIHRDLAARNVLVTEDNVMKIADFGLARDIHHIDYYKKTTNGRLPVKWMAPEALFDRIYTHQSDVWSFGVLLWEIF
TLGGSPYPGVPVEELFKLLKEGHRMDKPSNCTNELYMMMRDCWHAVPSQRPTFKQLVEDLDRIVALTSNQE
;
_entity_poly.pdbx_strand_id   A,B
#
# COMPACT_ATOMS: atom_id res chain seq x y z
N LEU A 11 5.29 44.34 12.35
CA LEU A 11 5.27 43.75 11.01
C LEU A 11 4.01 44.13 10.24
N PRO A 12 4.17 44.54 8.97
CA PRO A 12 2.99 44.97 8.21
C PRO A 12 1.99 43.84 7.97
N GLU A 13 0.70 44.17 8.07
CA GLU A 13 -0.35 43.17 7.87
C GLU A 13 -0.52 42.91 6.37
N ASP A 14 -1.03 41.74 6.04
CA ASP A 14 -1.28 41.36 4.67
C ASP A 14 -2.62 40.64 4.61
N PRO A 15 -3.69 41.34 4.23
CA PRO A 15 -5.03 40.78 4.34
C PRO A 15 -5.30 39.55 3.48
N ARG A 16 -4.44 39.26 2.51
CA ARG A 16 -4.64 38.12 1.62
C ARG A 16 -4.42 36.80 2.38
N TRP A 17 -3.57 36.84 3.40
CA TRP A 17 -3.15 35.67 4.17
C TRP A 17 -3.51 35.68 5.67
N GLU A 18 -3.79 36.87 6.23
CA GLU A 18 -4.00 37.00 7.68
C GLU A 18 -5.16 36.13 8.12
N LEU A 19 -4.98 35.47 9.26
CA LEU A 19 -6.04 34.74 9.92
C LEU A 19 -5.98 35.23 11.35
N PRO A 20 -7.15 35.57 11.94
CA PRO A 20 -7.13 35.98 13.34
C PRO A 20 -6.51 34.91 14.22
N ARG A 21 -5.78 35.35 15.22
CA ARG A 21 -5.01 34.46 16.07
C ARG A 21 -5.91 33.49 16.83
N ASP A 22 -7.08 33.95 17.26
CA ASP A 22 -7.98 33.08 18.01
C ASP A 22 -8.62 31.97 17.19
N ARG A 23 -8.39 31.96 15.87
CA ARG A 23 -8.92 30.90 14.96
C ARG A 23 -7.98 29.69 14.83
N LEU A 24 -6.90 29.73 15.60
CA LEU A 24 -5.87 28.73 15.52
C LEU A 24 -5.63 28.10 16.91
N VAL A 25 -5.94 26.83 17.03
CA VAL A 25 -5.76 26.08 18.27
C VAL A 25 -4.44 25.32 18.20
N LEU A 26 -3.45 25.80 18.94
CA LEU A 26 -2.12 25.22 18.94
C LEU A 26 -2.15 23.81 19.51
N GLY A 27 -1.52 22.87 18.83
CA GLY A 27 -1.48 21.47 19.25
C GLY A 27 -0.06 21.03 19.61
N LYS A 28 0.25 19.77 19.33
CA LYS A 28 1.54 19.22 19.79
C LYS A 28 2.73 19.60 18.89
N PRO A 29 3.94 19.56 19.46
CA PRO A 29 5.17 19.68 18.68
C PRO A 29 5.24 18.70 17.52
N LEU A 30 5.74 19.17 16.37
CA LEU A 30 6.00 18.28 15.25
C LEU A 30 7.51 18.09 15.04
N GLY A 31 8.31 19.04 15.52
CA GLY A 31 9.76 19.01 15.35
C GLY A 31 10.35 20.40 15.27
N GLU A 32 11.68 20.47 15.30
CA GLU A 32 12.41 21.75 15.34
C GLU A 32 12.90 22.12 13.94
N GLY A 36 13.07 27.94 13.19
CA GLY A 36 12.24 27.77 14.38
C GLY A 36 11.59 26.41 14.52
N GLN A 37 10.41 26.36 15.12
CA GLN A 37 9.75 25.11 15.48
C GLN A 37 8.36 25.02 14.89
N VAL A 38 7.91 23.77 14.72
CA VAL A 38 6.68 23.46 14.03
C VAL A 38 5.73 22.70 14.95
N VAL A 39 4.51 23.21 15.09
CA VAL A 39 3.49 22.54 15.86
C VAL A 39 2.31 22.23 14.95
N LEU A 40 1.60 21.16 15.29
CA LEU A 40 0.35 20.80 14.67
C LEU A 40 -0.67 21.75 15.27
N ALA A 41 -1.67 22.10 14.49
CA ALA A 41 -2.73 22.98 14.98
C ALA A 41 -3.97 22.74 14.20
N GLU A 42 -5.06 23.28 14.72
CA GLU A 42 -6.36 23.24 14.07
C GLU A 42 -6.76 24.66 13.72
N ALA A 43 -7.18 24.87 12.49
CA ALA A 43 -7.59 26.18 12.01
C ALA A 43 -9.09 26.18 11.83
N ILE A 44 -9.77 27.11 12.51
CA ILE A 44 -11.22 27.21 12.40
C ILE A 44 -11.59 28.22 11.31
N GLY A 45 -12.36 27.78 10.33
CA GLY A 45 -12.83 28.69 9.29
C GLY A 45 -11.71 29.24 8.44
N LEU A 46 -10.72 28.40 8.12
CA LEU A 46 -9.63 28.79 7.24
C LEU A 46 -10.22 29.10 5.87
N ASP A 47 -11.10 28.24 5.39
CA ASP A 47 -11.94 28.50 4.23
C ASP A 47 -13.11 29.39 4.68
N LYS A 48 -13.12 30.66 4.25
CA LYS A 48 -14.16 31.62 4.66
C LYS A 48 -15.57 31.19 4.26
N ASP A 49 -15.69 30.37 3.21
CA ASP A 49 -16.99 29.78 2.83
C ASP A 49 -17.51 28.72 3.80
N LYS A 50 -16.62 28.07 4.55
CA LYS A 50 -17.01 27.08 5.57
C LYS A 50 -16.44 27.51 6.93
N PRO A 51 -17.09 28.49 7.58
CA PRO A 51 -16.50 29.12 8.77
C PRO A 51 -16.52 28.26 10.04
N ASN A 52 -17.33 27.20 10.07
CA ASN A 52 -17.41 26.26 11.20
C ASN A 52 -16.59 24.97 11.04
N ARG A 53 -15.78 24.91 9.98
CA ARG A 53 -14.93 23.76 9.71
C ARG A 53 -13.55 23.95 10.34
N VAL A 54 -13.03 22.86 10.91
CA VAL A 54 -11.69 22.83 11.44
C VAL A 54 -10.81 22.08 10.44
N THR A 55 -9.60 22.58 10.21
CA THR A 55 -8.65 21.95 9.31
C THR A 55 -7.33 21.84 10.03
N LYS A 56 -6.75 20.64 10.01
CA LYS A 56 -5.46 20.40 10.63
C LYS A 56 -4.37 21.06 9.78
N VAL A 57 -3.48 21.78 10.44
CA VAL A 57 -2.44 22.56 9.76
C VAL A 57 -1.15 22.48 10.54
N ALA A 58 -0.05 22.85 9.90
CA ALA A 58 1.23 22.96 10.56
C ALA A 58 1.54 24.41 10.71
N VAL A 59 2.20 24.77 11.82
CA VAL A 59 2.47 26.15 12.14
C VAL A 59 3.94 26.33 12.53
N LYS A 60 4.60 27.30 11.94
CA LYS A 60 5.98 27.60 12.28
C LYS A 60 6.06 28.94 12.98
N MET A 61 6.91 29.00 14.00
CA MET A 61 7.09 30.17 14.87
C MET A 61 8.52 30.14 15.39
N LEU A 62 9.00 31.29 15.84
CA LEU A 62 10.40 31.41 16.27
C LEU A 62 10.64 30.64 17.56
N LYS A 63 11.86 30.11 17.74
CA LYS A 63 12.19 29.33 18.94
C LYS A 63 12.40 30.24 20.15
N SER A 64 12.55 29.64 21.33
CA SER A 64 12.60 30.39 22.59
C SER A 64 13.76 31.40 22.63
N ASP A 65 14.96 30.92 22.30
CA ASP A 65 16.16 31.76 22.28
C ASP A 65 16.53 32.13 20.83
N ALA A 66 15.63 32.88 20.18
CA ALA A 66 15.76 33.17 18.74
C ALA A 66 16.31 34.57 18.49
N THR A 67 17.05 34.71 17.39
CA THR A 67 17.73 35.96 17.04
C THR A 67 16.96 36.80 16.01
N GLU A 68 17.52 37.95 15.65
CA GLU A 68 16.97 38.79 14.60
C GLU A 68 17.07 38.10 13.23
N LYS A 69 18.14 37.34 13.03
CA LYS A 69 18.37 36.64 11.77
C LYS A 69 17.33 35.55 11.59
N ASP A 70 17.04 34.84 12.67
CA ASP A 70 15.98 33.84 12.69
C ASP A 70 14.65 34.48 12.27
N LEU A 71 14.30 35.62 12.85
CA LEU A 71 13.04 36.30 12.51
C LEU A 71 12.91 36.60 11.02
N SER A 72 13.88 37.33 10.47
CA SER A 72 13.78 37.82 9.08
C SER A 72 13.90 36.71 8.03
N ASP A 73 14.55 35.60 8.40
CA ASP A 73 14.55 34.40 7.55
C ASP A 73 13.17 33.75 7.48
N LEU A 74 12.49 33.75 8.63
CA LEU A 74 11.14 33.23 8.74
C LEU A 74 10.16 34.03 7.91
N ILE A 75 10.36 35.35 7.92
CA ILE A 75 9.59 36.28 7.10
C ILE A 75 9.92 36.09 5.61
N SER A 76 11.21 36.06 5.29
CA SER A 76 11.64 35.83 3.90
C SER A 76 11.03 34.56 3.36
N GLU A 77 11.15 33.46 4.12
CA GLU A 77 10.50 32.19 3.75
C GLU A 77 9.02 32.38 3.46
N MET A 78 8.32 33.06 4.36
CA MET A 78 6.88 33.30 4.16
C MET A 78 6.62 34.11 2.91
N GLU A 79 7.30 35.25 2.76
CA GLU A 79 7.12 36.10 1.56
C GLU A 79 7.46 35.37 0.27
N MET A 80 8.51 34.55 0.30
N MET A 80 8.50 34.55 0.28
CA MET A 80 8.86 33.70 -0.83
CA MET A 80 8.83 33.73 -0.89
C MET A 80 7.73 32.72 -1.16
C MET A 80 7.73 32.71 -1.18
N MET A 81 7.18 32.09 -0.13
CA MET A 81 6.06 31.15 -0.32
C MET A 81 4.82 31.81 -0.95
N LYS A 82 4.54 33.05 -0.56
CA LYS A 82 3.48 33.83 -1.22
C LYS A 82 3.69 33.93 -2.74
N MET A 83 4.92 34.26 -3.16
CA MET A 83 5.23 34.45 -4.58
C MET A 83 5.16 33.17 -5.41
N ILE A 84 5.56 32.03 -4.82
CA ILE A 84 5.75 30.79 -5.60
C ILE A 84 4.44 30.25 -6.12
N GLY A 85 3.39 30.43 -5.33
CA GLY A 85 2.04 30.00 -5.70
C GLY A 85 1.84 28.53 -5.37
N LYS A 86 0.61 28.08 -5.63
CA LYS A 86 0.14 26.77 -5.23
C LYS A 86 0.53 25.67 -6.21
N HIS A 87 0.88 24.52 -5.65
CA HIS A 87 0.94 23.29 -6.44
C HIS A 87 0.72 22.14 -5.48
N LYS A 88 -0.03 21.14 -5.93
CA LYS A 88 -0.40 20.06 -5.05
C LYS A 88 0.79 19.25 -4.48
N ASN A 89 1.93 19.23 -5.18
CA ASN A 89 3.10 18.50 -4.73
C ASN A 89 4.19 19.36 -4.07
N ILE A 90 3.78 20.49 -3.54
CA ILE A 90 4.65 21.22 -2.60
C ILE A 90 3.87 21.49 -1.31
N ILE A 91 4.59 21.79 -0.23
CA ILE A 91 3.96 22.27 1.01
C ILE A 91 3.55 23.72 0.81
N ASN A 92 2.24 23.93 0.67
CA ASN A 92 1.70 25.26 0.39
C ASN A 92 1.43 26.12 1.63
N LEU A 93 1.57 27.44 1.45
CA LEU A 93 1.20 28.44 2.46
C LEU A 93 -0.31 28.53 2.53
N LEU A 94 -0.83 28.58 3.76
CA LEU A 94 -2.27 28.71 4.00
C LEU A 94 -2.65 30.00 4.72
N GLY A 95 -1.76 30.60 5.50
CA GLY A 95 -2.06 31.86 6.15
C GLY A 95 -0.99 32.24 7.15
N ALA A 96 -1.28 33.24 7.96
CA ALA A 96 -0.29 33.72 8.93
C ALA A 96 -0.97 34.56 9.98
N CYS A 97 -0.42 34.54 11.20
CA CYS A 97 -0.84 35.42 12.26
C CYS A 97 0.34 36.32 12.55
N THR A 98 0.19 37.60 12.17
CA THR A 98 1.32 38.54 12.17
C THR A 98 1.13 39.71 13.11
N GLN A 99 -0.11 39.90 13.60
CA GLN A 99 -0.49 41.12 14.31
C GLN A 99 -0.52 40.94 15.84
N ASP A 100 -1.52 40.24 16.36
CA ASP A 100 -1.78 40.29 17.79
C ASP A 100 -0.76 39.53 18.65
N GLY A 101 0.52 39.49 18.24
CA GLY A 101 1.57 38.76 18.97
C GLY A 101 2.66 38.16 18.08
N PRO A 102 3.23 37.00 18.48
CA PRO A 102 4.35 36.43 17.71
C PRO A 102 3.95 35.88 16.35
N LEU A 103 4.92 35.87 15.44
CA LEU A 103 4.67 35.46 14.06
C LEU A 103 4.37 33.95 13.94
N TYR A 104 3.23 33.63 13.34
CA TYR A 104 2.88 32.26 13.01
C TYR A 104 2.74 32.12 11.51
N VAL A 105 3.37 31.11 10.91
CA VAL A 105 3.21 30.85 9.50
C VAL A 105 2.47 29.52 9.32
N ILE A 106 1.32 29.56 8.68
CA ILE A 106 0.47 28.38 8.59
C ILE A 106 0.62 27.72 7.23
N VAL A 107 1.00 26.43 7.23
CA VAL A 107 1.21 25.68 5.99
C VAL A 107 0.50 24.35 6.09
N GLU A 108 0.35 23.67 4.96
CA GLU A 108 -0.33 22.39 4.95
C GLU A 108 0.36 21.37 5.86
N TYR A 109 -0.43 20.47 6.46
CA TYR A 109 0.09 19.42 7.38
C TYR A 109 0.29 18.10 6.65
N ALA A 110 1.41 17.42 6.91
CA ALA A 110 1.67 16.09 6.35
C ALA A 110 1.79 15.04 7.47
N SER A 111 0.73 14.24 7.65
CA SER A 111 0.61 13.38 8.84
C SER A 111 1.50 12.15 8.82
N LYS A 112 1.97 11.74 7.65
CA LYS A 112 2.66 10.48 7.53
C LYS A 112 4.17 10.63 7.46
N GLY A 113 4.68 11.81 7.78
CA GLY A 113 6.13 11.97 7.93
C GLY A 113 6.86 12.33 6.65
N ASN A 114 8.18 12.48 6.75
CA ASN A 114 9.00 12.68 5.57
C ASN A 114 9.19 11.38 4.83
N LEU A 115 9.57 11.47 3.56
CA LEU A 115 9.56 10.31 2.69
C LEU A 115 10.59 9.27 3.16
N ARG A 116 11.71 9.73 3.70
CA ARG A 116 12.74 8.82 4.15
C ARG A 116 12.21 7.91 5.26
N GLU A 117 11.49 8.50 6.21
CA GLU A 117 10.92 7.74 7.35
C GLU A 117 9.74 6.90 6.91
N TYR A 118 8.88 7.50 6.12
CA TYR A 118 7.75 6.82 5.53
C TYR A 118 8.18 5.51 4.89
N LEU A 119 9.24 5.57 4.09
CA LEU A 119 9.72 4.42 3.32
C LEU A 119 10.38 3.39 4.24
N GLN A 120 11.29 3.83 5.08
CA GLN A 120 11.91 2.95 6.06
C GLN A 120 10.87 2.17 6.87
N ALA A 121 9.83 2.86 7.31
CA ALA A 121 8.83 2.22 8.18
C ALA A 121 8.02 1.19 7.41
N ARG A 122 8.18 1.16 6.09
CA ARG A 122 7.50 0.20 5.24
C ARG A 122 8.46 -0.85 4.65
N ARG A 123 9.64 -1.00 5.25
CA ARG A 123 10.54 -2.12 4.89
C ARG A 123 9.95 -3.42 5.42
N PRO A 124 10.14 -4.52 4.69
CA PRO A 124 9.87 -5.87 5.22
C PRO A 124 10.52 -6.09 6.59
N PRO A 125 9.77 -6.68 7.56
CA PRO A 125 10.35 -6.86 8.91
C PRO A 125 11.33 -8.02 9.01
N SER A 130 18.16 -5.27 4.47
CA SER A 130 17.98 -3.92 5.01
C SER A 130 16.99 -3.87 6.19
N TYR A 131 17.36 -3.13 7.24
CA TYR A 131 16.74 -3.23 8.57
C TYR A 131 15.65 -2.15 8.85
N ASN A 132 14.58 -2.57 9.53
CA ASN A 132 13.44 -1.72 9.87
C ASN A 132 13.58 -1.21 11.32
N PRO A 133 13.94 0.09 11.49
CA PRO A 133 14.22 0.63 12.83
C PRO A 133 12.95 0.88 13.67
N SER A 134 11.78 0.88 13.04
CA SER A 134 10.52 1.19 13.69
C SER A 134 9.95 -0.02 14.45
N HIS A 135 9.49 0.24 15.68
CA HIS A 135 8.72 -0.75 16.43
C HIS A 135 7.27 -0.77 15.95
N ASN A 136 6.87 0.30 15.26
CA ASN A 136 5.55 0.39 14.61
C ASN A 136 5.67 0.36 13.07
N PRO A 137 5.89 -0.85 12.49
CA PRO A 137 6.05 -0.97 11.04
C PRO A 137 4.72 -0.87 10.28
N GLU A 138 4.79 -0.57 8.99
CA GLU A 138 3.61 -0.27 8.17
C GLU A 138 3.55 -1.18 6.94
N GLU A 139 2.46 -1.11 6.19
CA GLU A 139 2.24 -2.01 5.06
C GLU A 139 3.15 -1.76 3.85
N GLN A 140 3.57 -2.87 3.24
CA GLN A 140 4.39 -2.88 2.03
C GLN A 140 3.88 -1.95 0.93
N LEU A 141 4.82 -1.30 0.25
CA LEU A 141 4.51 -0.49 -0.93
C LEU A 141 4.75 -1.31 -2.18
N SER A 142 3.83 -1.22 -3.15
CA SER A 142 4.02 -1.86 -4.47
C SER A 142 5.10 -1.17 -5.27
N SER A 143 5.50 -1.80 -6.38
CA SER A 143 6.45 -1.22 -7.31
C SER A 143 5.84 0.01 -7.95
N LYS A 144 4.56 -0.07 -8.29
CA LYS A 144 3.84 1.06 -8.87
C LYS A 144 3.79 2.25 -7.89
N ASP A 145 3.57 1.96 -6.61
CA ASP A 145 3.59 3.02 -5.60
C ASP A 145 4.92 3.76 -5.55
N LEU A 146 6.02 3.04 -5.72
CA LEU A 146 7.33 3.64 -5.63
C LEU A 146 7.58 4.55 -6.81
N VAL A 147 7.24 4.08 -8.02
CA VAL A 147 7.42 4.89 -9.21
C VAL A 147 6.54 6.13 -9.12
N SER A 148 5.29 5.94 -8.72
CA SER A 148 4.34 7.04 -8.54
C SER A 148 4.78 8.08 -7.48
N CYS A 149 5.51 7.63 -6.46
N CYS A 149 5.50 7.63 -6.45
CA CYS A 149 6.11 8.54 -5.48
CA CYS A 149 6.12 8.55 -5.49
C CYS A 149 7.15 9.40 -6.17
C CYS A 149 7.13 9.41 -6.22
N ALA A 150 7.99 8.77 -6.99
CA ALA A 150 9.03 9.47 -7.72
C ALA A 150 8.42 10.49 -8.71
N TYR A 151 7.39 10.06 -9.41
CA TYR A 151 6.65 10.92 -10.34
C TYR A 151 6.11 12.16 -9.66
N GLN A 152 5.50 12.00 -8.50
CA GLN A 152 4.93 13.13 -7.77
C GLN A 152 6.02 14.11 -7.30
N VAL A 153 7.13 13.57 -6.82
CA VAL A 153 8.25 14.42 -6.40
C VAL A 153 8.81 15.20 -7.60
N ALA A 154 8.87 14.55 -8.76
CA ALA A 154 9.34 15.24 -9.98
C ALA A 154 8.37 16.33 -10.46
N ARG A 155 7.09 16.09 -10.27
CA ARG A 155 6.05 17.09 -10.54
C ARG A 155 6.24 18.31 -9.65
N GLY A 156 6.53 18.06 -8.38
CA GLY A 156 6.79 19.15 -7.44
C GLY A 156 7.91 20.02 -7.94
N MET A 157 9.02 19.37 -8.31
CA MET A 157 10.23 20.08 -8.68
C MET A 157 10.10 20.77 -10.04
N GLU A 158 9.36 20.14 -10.94
CA GLU A 158 9.08 20.73 -12.23
C GLU A 158 8.36 22.06 -12.06
N TYR A 159 7.35 22.08 -11.18
CA TYR A 159 6.65 23.32 -10.85
C TYR A 159 7.62 24.32 -10.23
N LEU A 160 8.34 23.93 -9.21
CA LEU A 160 9.28 24.86 -8.57
C LEU A 160 10.28 25.43 -9.59
N ALA A 161 10.82 24.55 -10.44
CA ALA A 161 11.76 24.97 -11.50
C ALA A 161 11.12 25.96 -12.48
N SER A 162 9.87 25.74 -12.86
CA SER A 162 9.14 26.68 -13.72
C SER A 162 8.95 28.07 -13.08
N LYS A 163 8.91 28.14 -11.75
CA LYS A 163 8.87 29.43 -11.03
C LYS A 163 10.24 29.91 -10.67
N LYS A 164 11.24 29.38 -11.34
CA LYS A 164 12.60 29.78 -11.11
C LYS A 164 13.14 29.59 -9.70
N CYS A 165 12.53 28.70 -8.97
CA CYS A 165 13.02 28.33 -7.65
C CYS A 165 14.02 27.16 -7.73
N ILE A 166 15.20 27.36 -7.14
CA ILE A 166 16.23 26.34 -7.05
C ILE A 166 16.20 25.89 -5.60
N HIS A 167 16.05 24.58 -5.37
CA HIS A 167 15.88 24.05 -4.03
C HIS A 167 17.19 24.03 -3.25
N ARG A 168 18.22 23.35 -3.78
CA ARG A 168 19.55 23.24 -3.12
C ARG A 168 19.75 22.08 -2.12
N ASP A 169 18.68 21.53 -1.57
CA ASP A 169 18.82 20.43 -0.63
C ASP A 169 17.69 19.43 -0.84
N LEU A 170 17.46 19.05 -2.09
CA LEU A 170 16.43 18.08 -2.39
C LEU A 170 16.89 16.69 -1.96
N ALA A 171 15.99 15.99 -1.27
CA ALA A 171 16.30 14.73 -0.63
C ALA A 171 15.00 14.17 -0.08
N ALA A 172 14.96 12.87 0.21
CA ALA A 172 13.73 12.24 0.70
C ALA A 172 13.28 12.79 2.05
N ARG A 173 14.23 13.22 2.88
CA ARG A 173 13.88 13.90 4.13
C ARG A 173 13.15 15.24 3.90
N ASN A 174 13.35 15.89 2.74
CA ASN A 174 12.64 17.12 2.40
C ASN A 174 11.51 16.87 1.40
N VAL A 175 10.90 15.71 1.52
CA VAL A 175 9.63 15.45 0.93
C VAL A 175 8.73 14.98 2.07
N LEU A 176 7.48 15.42 2.07
CA LEU A 176 6.54 15.07 3.11
C LEU A 176 5.35 14.37 2.50
N VAL A 177 4.72 13.51 3.29
CA VAL A 177 3.64 12.66 2.82
C VAL A 177 2.38 12.97 3.64
N THR A 178 1.32 13.35 2.94
CA THR A 178 0.02 13.61 3.59
C THR A 178 -0.70 12.32 3.96
N GLU A 179 -1.72 12.47 4.81
CA GLU A 179 -2.67 11.41 5.13
C GLU A 179 -3.15 10.67 3.88
N ASP A 180 -3.29 11.38 2.76
CA ASP A 180 -3.72 10.77 1.50
C ASP A 180 -2.57 10.36 0.59
N ASN A 181 -1.38 10.19 1.14
CA ASN A 181 -0.22 9.71 0.39
C ASN A 181 0.16 10.60 -0.79
N VAL A 182 -0.06 11.90 -0.65
CA VAL A 182 0.36 12.87 -1.64
C VAL A 182 1.74 13.32 -1.24
N MET A 183 2.69 13.28 -2.17
CA MET A 183 4.06 13.69 -1.89
C MET A 183 4.19 15.20 -2.07
N LYS A 184 4.80 15.87 -1.11
CA LYS A 184 4.93 17.31 -1.15
C LYS A 184 6.35 17.77 -0.81
N ILE A 185 6.92 18.60 -1.70
CA ILE A 185 8.27 19.11 -1.53
C ILE A 185 8.31 20.04 -0.32
N ALA A 186 9.31 19.85 0.52
CA ALA A 186 9.49 20.63 1.74
C ALA A 186 10.70 21.55 1.65
N ASP A 187 10.67 22.62 2.46
CA ASP A 187 11.78 23.56 2.65
C ASP A 187 12.43 24.04 1.36
N PHE A 188 11.58 24.42 0.42
CA PHE A 188 11.99 24.86 -0.90
C PHE A 188 12.16 26.38 -0.99
N GLY A 189 12.35 27.09 0.12
CA GLY A 189 12.47 28.54 0.07
C GLY A 189 13.46 29.15 1.03
N LEU A 190 14.61 28.49 1.21
CA LEU A 190 15.57 28.88 2.25
C LEU A 190 16.71 29.74 1.72
N PRO A 209 24.22 15.57 3.82
CA PRO A 209 23.72 16.64 2.93
C PRO A 209 24.63 16.80 1.72
N VAL A 210 25.94 16.80 1.96
CA VAL A 210 26.92 16.77 0.89
C VAL A 210 26.66 15.61 -0.08
N LYS A 211 26.09 14.50 0.41
CA LYS A 211 25.88 13.31 -0.41
C LYS A 211 24.70 13.45 -1.39
N TRP A 212 24.02 14.59 -1.35
CA TRP A 212 22.94 14.91 -2.27
C TRP A 212 23.33 16.03 -3.26
N MET A 213 24.53 16.58 -3.09
CA MET A 213 24.96 17.73 -3.87
C MET A 213 25.61 17.31 -5.18
N ALA A 214 25.23 17.96 -6.26
CA ALA A 214 26.01 17.86 -7.49
C ALA A 214 27.48 18.25 -7.23
N PRO A 215 28.41 17.62 -7.96
CA PRO A 215 29.82 17.97 -7.84
C PRO A 215 30.08 19.47 -7.97
N GLU A 216 29.49 20.10 -8.98
CA GLU A 216 29.67 21.54 -9.18
C GLU A 216 29.20 22.36 -7.96
N ALA A 217 28.17 21.88 -7.28
CA ALA A 217 27.69 22.54 -6.06
C ALA A 217 28.67 22.25 -4.94
N LEU A 218 29.10 21.00 -4.87
CA LEU A 218 30.00 20.54 -3.83
C LEU A 218 31.34 21.29 -3.83
N PHE A 219 31.87 21.60 -5.02
CA PHE A 219 33.19 22.25 -5.14
C PHE A 219 33.10 23.76 -5.26
N ASP A 220 32.23 24.25 -6.13
CA ASP A 220 32.21 25.67 -6.48
C ASP A 220 31.04 26.46 -5.87
N ARG A 221 30.22 25.79 -5.05
CA ARG A 221 28.99 26.40 -4.52
C ARG A 221 28.07 26.97 -5.63
N ILE A 222 28.04 26.31 -6.79
CA ILE A 222 27.18 26.67 -7.92
C ILE A 222 25.93 25.79 -7.92
N TYR A 223 24.80 26.35 -7.54
CA TYR A 223 23.55 25.63 -7.49
C TYR A 223 22.67 26.11 -8.63
N THR A 224 22.09 25.16 -9.36
CA THR A 224 21.24 25.47 -10.49
C THR A 224 20.09 24.47 -10.49
N HIS A 225 19.17 24.63 -11.42
CA HIS A 225 18.17 23.61 -11.66
C HIS A 225 18.86 22.27 -11.94
N GLN A 226 19.96 22.31 -12.66
CA GLN A 226 20.63 21.07 -13.05
C GLN A 226 21.20 20.32 -11.86
N SER A 227 21.69 21.06 -10.87
CA SER A 227 22.19 20.43 -9.64
C SER A 227 21.04 19.83 -8.85
N ASP A 228 19.88 20.46 -8.90
CA ASP A 228 18.70 19.88 -8.28
C ASP A 228 18.34 18.53 -8.94
N VAL A 229 18.58 18.42 -10.24
CA VAL A 229 18.29 17.17 -10.96
C VAL A 229 19.22 16.08 -10.45
N TRP A 230 20.48 16.42 -10.24
CA TRP A 230 21.42 15.51 -9.61
C TRP A 230 20.84 15.01 -8.28
N SER A 231 20.39 15.95 -7.45
CA SER A 231 19.89 15.61 -6.11
C SER A 231 18.70 14.65 -6.24
N PHE A 232 17.89 14.86 -7.26
CA PHE A 232 16.74 13.99 -7.50
C PHE A 232 17.12 12.54 -7.79
N GLY A 233 18.19 12.36 -8.56
CA GLY A 233 18.74 11.04 -8.81
C GLY A 233 19.11 10.30 -7.53
N VAL A 234 19.74 11.00 -6.60
CA VAL A 234 20.02 10.44 -5.30
C VAL A 234 18.68 10.12 -4.64
N LEU A 235 17.70 11.03 -4.77
CA LEU A 235 16.39 10.81 -4.16
C LEU A 235 15.69 9.57 -4.75
N LEU A 236 15.88 9.36 -6.06
CA LEU A 236 15.37 8.14 -6.71
C LEU A 236 15.99 6.90 -6.09
N TRP A 237 17.30 6.93 -5.89
CA TRP A 237 18.01 5.84 -5.23
C TRP A 237 17.49 5.58 -3.80
N GLU A 238 17.15 6.63 -3.05
CA GLU A 238 16.50 6.47 -1.74
C GLU A 238 15.18 5.76 -1.89
N ILE A 239 14.37 6.19 -2.85
CA ILE A 239 13.09 5.56 -3.05
C ILE A 239 13.23 4.06 -3.20
N PHE A 240 14.17 3.61 -4.03
CA PHE A 240 14.23 2.18 -4.38
C PHE A 240 15.13 1.35 -3.48
N THR A 241 15.76 1.99 -2.50
CA THR A 241 16.38 1.31 -1.36
C THR A 241 15.46 1.38 -0.12
N LEU A 242 14.23 1.85 -0.30
CA LEU A 242 13.30 2.14 0.80
C LEU A 242 13.92 2.93 1.95
N GLY A 243 14.61 4.01 1.58
CA GLY A 243 15.19 4.92 2.55
C GLY A 243 16.63 4.63 2.89
N GLY A 244 17.36 4.08 1.91
CA GLY A 244 18.75 3.70 2.11
C GLY A 244 19.64 4.92 2.26
N SER A 245 20.71 4.77 3.01
CA SER A 245 21.65 5.86 3.21
C SER A 245 22.66 5.86 2.03
N PRO A 246 22.81 6.99 1.34
CA PRO A 246 23.64 6.98 0.13
C PRO A 246 25.12 6.83 0.42
N TYR A 247 25.86 6.24 -0.52
CA TYR A 247 27.30 6.07 -0.37
C TYR A 247 27.64 5.54 1.01
N PRO A 248 27.01 4.42 1.41
CA PRO A 248 27.25 3.93 2.76
C PRO A 248 28.72 3.62 2.99
N GLY A 249 29.27 4.15 4.07
CA GLY A 249 30.65 3.92 4.46
C GLY A 249 31.69 4.83 3.82
N VAL A 250 31.28 5.61 2.82
CA VAL A 250 32.19 6.54 2.19
C VAL A 250 32.29 7.80 3.06
N PRO A 251 33.51 8.16 3.47
CA PRO A 251 33.68 9.39 4.23
C PRO A 251 33.48 10.62 3.35
N VAL A 252 33.00 11.70 3.95
CA VAL A 252 32.70 12.92 3.20
C VAL A 252 33.94 13.36 2.42
N GLU A 253 35.00 13.67 3.15
CA GLU A 253 36.31 14.04 2.58
C GLU A 253 36.62 13.33 1.26
N GLU A 254 36.47 12.00 1.23
CA GLU A 254 36.83 11.22 0.05
C GLU A 254 35.90 11.53 -1.14
N LEU A 255 34.62 11.73 -0.82
CA LEU A 255 33.51 11.66 -1.78
C LEU A 255 33.65 12.48 -3.08
N PHE A 256 34.03 13.76 -2.95
CA PHE A 256 34.20 14.61 -4.16
C PHE A 256 35.20 14.04 -5.15
N LYS A 257 36.32 13.54 -4.62
CA LYS A 257 37.34 12.90 -5.45
C LYS A 257 36.75 11.69 -6.16
N LEU A 258 36.18 10.78 -5.38
CA LEU A 258 35.53 9.59 -5.92
C LEU A 258 34.57 9.98 -7.02
N LEU A 259 33.79 11.04 -6.78
CA LEU A 259 32.86 11.56 -7.77
C LEU A 259 33.54 12.06 -9.06
N LYS A 260 34.63 12.82 -8.93
CA LYS A 260 35.36 13.31 -10.11
C LYS A 260 35.88 12.13 -10.94
N GLU A 261 36.39 11.13 -10.25
CA GLU A 261 36.84 9.88 -10.88
C GLU A 261 35.72 9.07 -11.53
N GLY A 262 34.46 9.51 -11.40
CA GLY A 262 33.35 8.81 -12.05
C GLY A 262 32.70 7.74 -11.19
N HIS A 263 32.94 7.78 -9.88
CA HIS A 263 32.22 6.90 -8.97
C HIS A 263 30.72 7.22 -8.96
N ARG A 264 29.89 6.18 -9.07
CA ARG A 264 28.44 6.34 -9.00
C ARG A 264 27.86 5.19 -8.19
N MET A 265 26.80 5.45 -7.44
CA MET A 265 26.18 4.42 -6.64
C MET A 265 25.74 3.26 -7.52
N ASP A 266 25.86 2.05 -6.95
CA ASP A 266 25.39 0.83 -7.60
C ASP A 266 23.88 0.83 -7.65
N LYS A 267 23.34 0.03 -8.56
CA LYS A 267 21.93 -0.12 -8.66
C LYS A 267 21.40 -0.80 -7.40
N PRO A 268 20.32 -0.27 -6.80
CA PRO A 268 19.74 -1.01 -5.69
C PRO A 268 19.31 -2.40 -6.11
N SER A 269 19.37 -3.35 -5.17
CA SER A 269 19.05 -4.73 -5.47
C SER A 269 17.69 -4.91 -6.14
N ASN A 270 16.69 -4.15 -5.72
CA ASN A 270 15.34 -4.25 -6.29
C ASN A 270 14.94 -2.96 -6.99
N CYS A 271 15.43 -2.82 -8.22
CA CYS A 271 15.16 -1.64 -9.06
C CYS A 271 15.38 -2.05 -10.51
N THR A 272 14.52 -1.58 -11.42
CA THR A 272 14.64 -1.92 -12.83
C THR A 272 15.87 -1.24 -13.44
N ASN A 273 16.36 -1.81 -14.55
CA ASN A 273 17.49 -1.22 -15.27
C ASN A 273 17.15 0.17 -15.79
N GLU A 274 15.91 0.31 -16.24
CA GLU A 274 15.37 1.58 -16.74
C GLU A 274 15.46 2.73 -15.74
N LEU A 275 15.03 2.46 -14.51
CA LEU A 275 15.05 3.45 -13.46
C LEU A 275 16.48 3.70 -12.99
N TYR A 276 17.32 2.69 -13.04
CA TYR A 276 18.74 2.90 -12.76
C TYR A 276 19.35 3.85 -13.77
N MET A 277 18.98 3.72 -15.04
CA MET A 277 19.53 4.57 -16.08
C MET A 277 19.12 6.01 -15.84
N MET A 278 17.93 6.21 -15.29
CA MET A 278 17.46 7.56 -15.00
C MET A 278 18.33 8.17 -13.91
N MET A 279 18.61 7.40 -12.86
CA MET A 279 19.51 7.85 -11.82
C MET A 279 20.83 8.30 -12.46
N ARG A 280 21.38 7.43 -13.29
CA ARG A 280 22.69 7.67 -13.88
C ARG A 280 22.67 8.91 -14.78
N ASP A 281 21.57 9.10 -15.52
CA ASP A 281 21.41 10.32 -16.32
C ASP A 281 21.36 11.58 -15.45
N CYS A 282 20.62 11.50 -14.34
CA CYS A 282 20.59 12.59 -13.38
C CYS A 282 21.99 12.90 -12.85
N TRP A 283 22.84 11.90 -12.80
CA TRP A 283 24.19 12.05 -12.31
C TRP A 283 25.28 12.27 -13.39
N HIS A 284 24.91 12.84 -14.49
CA HIS A 284 25.84 13.16 -15.54
C HIS A 284 26.81 14.19 -15.02
N ALA A 285 28.08 14.01 -15.26
CA ALA A 285 29.07 14.95 -14.79
C ALA A 285 28.86 16.30 -15.40
N VAL A 286 28.42 16.31 -16.65
CA VAL A 286 28.12 17.55 -17.33
C VAL A 286 26.68 17.97 -17.08
N PRO A 287 26.49 19.05 -16.31
CA PRO A 287 25.16 19.53 -15.94
C PRO A 287 24.20 19.69 -17.10
N SER A 288 24.70 20.20 -18.23
CA SER A 288 23.89 20.42 -19.44
C SER A 288 23.32 19.15 -20.04
N GLN A 289 23.93 18.01 -19.71
CA GLN A 289 23.59 16.73 -20.29
C GLN A 289 22.55 15.95 -19.47
N ARG A 290 22.37 16.35 -18.21
CA ARG A 290 21.29 15.82 -17.36
C ARG A 290 19.92 16.12 -17.94
N PRO A 291 18.95 15.22 -17.70
CA PRO A 291 17.59 15.54 -18.13
C PRO A 291 17.02 16.68 -17.25
N THR A 292 16.03 17.37 -17.77
CA THR A 292 15.31 18.37 -17.00
C THR A 292 14.21 17.68 -16.19
N PHE A 293 13.62 18.41 -15.26
CA PHE A 293 12.47 17.88 -14.51
C PHE A 293 11.28 17.71 -15.44
N LYS A 294 11.10 18.63 -16.38
CA LYS A 294 10.05 18.46 -17.39
C LYS A 294 10.12 17.06 -18.00
N GLN A 295 11.30 16.69 -18.49
CA GLN A 295 11.50 15.40 -19.16
C GLN A 295 11.33 14.23 -18.21
N LEU A 296 11.87 14.38 -17.00
CA LEU A 296 11.74 13.32 -16.00
C LEU A 296 10.28 13.03 -15.69
N VAL A 297 9.48 14.08 -15.59
CA VAL A 297 8.06 13.90 -15.31
C VAL A 297 7.47 13.07 -16.45
N GLU A 298 7.76 13.42 -17.70
CA GLU A 298 7.23 12.69 -18.85
C GLU A 298 7.64 11.23 -18.82
N ASP A 299 8.93 10.99 -18.57
CA ASP A 299 9.48 9.62 -18.53
C ASP A 299 8.82 8.80 -17.41
N LEU A 300 8.70 9.39 -16.21
CA LEU A 300 8.09 8.71 -15.07
C LEU A 300 6.61 8.45 -15.32
N ASP A 301 5.95 9.39 -15.97
CA ASP A 301 4.55 9.19 -16.32
C ASP A 301 4.37 7.93 -17.18
N ARG A 302 5.26 7.72 -18.14
CA ARG A 302 5.21 6.53 -19.00
C ARG A 302 5.52 5.24 -18.20
N ILE A 303 6.51 5.31 -17.32
CA ILE A 303 6.89 4.14 -16.55
C ILE A 303 5.75 3.74 -15.60
N VAL A 304 5.16 4.70 -14.91
CA VAL A 304 4.03 4.45 -14.00
C VAL A 304 2.92 3.71 -14.74
N ALA A 305 2.51 4.22 -15.90
CA ALA A 305 1.43 3.59 -16.67
C ALA A 305 1.80 2.17 -17.14
N LEU A 306 3.09 1.92 -17.33
CA LEU A 306 3.58 0.61 -17.75
C LEU A 306 3.87 -0.35 -16.58
N THR A 307 3.89 0.14 -15.34
CA THR A 307 4.04 -0.75 -14.19
C THR A 307 2.65 -1.07 -13.55
N SER A 308 2.37 -2.36 -13.47
CA SER A 308 1.14 -2.88 -12.85
C SER A 308 1.12 -2.67 -11.33
N ASN A 309 -0.10 -2.68 -10.76
CA ASN A 309 -0.28 -2.67 -9.31
C ASN A 309 0.17 -3.97 -8.61
N GLN A 310 0.41 -5.03 -9.39
CA GLN A 310 0.71 -6.34 -8.83
C GLN A 310 2.16 -6.83 -8.96
N GLU A 311 2.96 -6.18 -9.80
CA GLU A 311 4.34 -6.61 -10.03
C GLU A 311 5.33 -6.17 -8.92
N TYR B 9 -17.53 1.60 24.97
CA TYR B 9 -18.94 1.99 25.27
C TYR B 9 -19.86 2.13 24.06
N GLU B 10 -19.35 2.64 22.95
CA GLU B 10 -20.13 2.76 21.70
C GLU B 10 -19.22 2.61 20.49
N LEU B 11 -19.80 2.19 19.37
CA LEU B 11 -19.13 2.12 18.08
C LEU B 11 -19.72 3.18 17.17
N PRO B 12 -18.97 3.63 16.13
CA PRO B 12 -19.50 4.59 15.17
C PRO B 12 -20.63 3.99 14.37
N GLU B 13 -21.57 4.83 13.95
CA GLU B 13 -22.67 4.38 13.10
C GLU B 13 -22.23 4.34 11.64
N ASP B 14 -22.75 3.38 10.88
CA ASP B 14 -22.63 3.41 9.43
C ASP B 14 -23.97 2.96 8.83
N PRO B 15 -24.85 3.94 8.56
CA PRO B 15 -26.19 3.70 8.02
C PRO B 15 -26.22 2.94 6.69
N ARG B 16 -25.13 2.96 5.94
CA ARG B 16 -25.07 2.21 4.68
C ARG B 16 -25.25 0.69 4.88
N TRP B 17 -24.75 0.16 5.99
CA TRP B 17 -24.72 -1.28 6.23
C TRP B 17 -25.50 -1.75 7.48
N GLU B 18 -26.06 -0.82 8.25
CA GLU B 18 -26.71 -1.20 9.51
C GLU B 18 -28.01 -1.97 9.28
N LEU B 19 -28.18 -3.06 10.03
CA LEU B 19 -29.41 -3.84 10.01
C LEU B 19 -29.94 -3.90 11.45
N PRO B 20 -31.23 -3.54 11.65
CA PRO B 20 -31.88 -3.67 12.95
C PRO B 20 -31.78 -5.09 13.50
N ARG B 21 -31.46 -5.22 14.78
CA ARG B 21 -31.33 -6.53 15.43
C ARG B 21 -32.59 -7.40 15.31
N ASP B 22 -33.76 -6.78 15.18
CA ASP B 22 -35.02 -7.54 15.02
C ASP B 22 -35.18 -8.20 13.66
N ARG B 23 -34.42 -7.75 12.65
CA ARG B 23 -34.41 -8.43 11.36
C ARG B 23 -33.46 -9.66 11.33
N LEU B 24 -32.76 -9.94 12.42
CA LEU B 24 -31.75 -11.00 12.49
C LEU B 24 -32.05 -12.00 13.61
N VAL B 25 -32.09 -13.28 13.26
CA VAL B 25 -32.37 -14.33 14.21
C VAL B 25 -31.17 -15.28 14.29
N LEU B 26 -30.38 -15.17 15.34
CA LEU B 26 -29.20 -16.02 15.47
C LEU B 26 -29.60 -17.49 15.55
N GLY B 27 -28.78 -18.36 14.96
CA GLY B 27 -28.99 -19.80 14.94
C GLY B 27 -27.77 -20.55 15.46
N LYS B 28 -27.47 -21.69 14.85
CA LYS B 28 -26.46 -22.60 15.38
C LYS B 28 -25.01 -22.22 15.02
N PRO B 29 -24.04 -22.60 15.89
CA PRO B 29 -22.61 -22.35 15.65
C PRO B 29 -22.12 -22.95 14.34
N LEU B 30 -21.11 -22.32 13.74
CA LEU B 30 -20.48 -22.83 12.51
C LEU B 30 -18.97 -23.03 12.64
N GLY B 31 -18.32 -22.27 13.51
CA GLY B 31 -16.87 -22.32 13.63
C GLY B 31 -16.40 -21.16 14.47
N GLU B 32 -15.19 -21.29 15.00
CA GLU B 32 -14.54 -20.26 15.80
C GLU B 32 -13.22 -19.98 15.12
N GLY B 33 -12.74 -18.76 15.22
CA GLY B 33 -11.46 -18.39 14.65
C GLY B 33 -11.07 -16.97 14.96
N PHE B 35 -10.23 -14.21 16.38
CA PHE B 35 -10.87 -13.05 17.03
C PHE B 35 -12.38 -13.05 16.87
N GLY B 36 -12.98 -14.23 16.72
CA GLY B 36 -14.42 -14.29 16.51
C GLY B 36 -15.00 -15.67 16.45
N GLN B 37 -16.27 -15.78 16.78
CA GLN B 37 -17.01 -16.99 16.47
C GLN B 37 -18.00 -16.67 15.38
N VAL B 38 -18.47 -17.71 14.71
CA VAL B 38 -19.37 -17.55 13.59
C VAL B 38 -20.60 -18.37 13.83
N VAL B 39 -21.77 -17.75 13.65
CA VAL B 39 -23.03 -18.47 13.73
C VAL B 39 -23.80 -18.30 12.43
N LEU B 40 -24.62 -19.30 12.13
CA LEU B 40 -25.63 -19.21 11.11
C LEU B 40 -26.71 -18.30 11.67
N ALA B 41 -27.43 -17.63 10.77
CA ALA B 41 -28.52 -16.78 11.18
C ALA B 41 -29.44 -16.58 10.01
N GLU B 42 -30.63 -16.08 10.30
CA GLU B 42 -31.65 -15.82 9.28
C GLU B 42 -31.91 -14.34 9.28
N ALA B 43 -31.89 -13.71 8.11
CA ALA B 43 -32.11 -12.28 8.02
C ALA B 43 -33.23 -12.00 7.05
N ILE B 44 -33.94 -10.90 7.28
CA ILE B 44 -35.08 -10.53 6.44
C ILE B 44 -34.75 -9.29 5.64
N GLY B 45 -34.86 -9.41 4.32
CA GLY B 45 -34.83 -8.27 3.41
C GLY B 45 -33.50 -7.53 3.34
N LEU B 46 -32.43 -8.27 3.05
CA LEU B 46 -31.12 -7.65 2.84
C LEU B 46 -31.03 -7.04 1.44
N ASP B 47 -31.84 -7.56 0.51
CA ASP B 47 -31.88 -7.06 -0.88
C ASP B 47 -31.89 -5.53 -0.97
N LYS B 50 -36.03 -8.00 -3.33
CA LYS B 50 -36.86 -8.91 -2.53
C LYS B 50 -36.75 -8.63 -1.02
N PRO B 51 -37.33 -7.51 -0.55
CA PRO B 51 -37.28 -7.16 0.88
C PRO B 51 -38.12 -8.06 1.82
N ASN B 52 -38.95 -8.95 1.26
CA ASN B 52 -39.66 -9.96 2.06
C ASN B 52 -38.88 -11.28 2.23
N ARG B 53 -37.97 -11.58 1.30
CA ARG B 53 -37.25 -12.84 1.32
C ARG B 53 -36.37 -12.98 2.56
N VAL B 54 -36.33 -14.20 3.10
CA VAL B 54 -35.58 -14.51 4.31
C VAL B 54 -34.36 -15.34 3.95
N THR B 55 -33.21 -14.75 4.12
CA THR B 55 -31.96 -15.38 3.78
C THR B 55 -31.12 -15.96 4.86
N LYS B 56 -30.54 -17.10 4.59
CA LYS B 56 -29.54 -17.62 5.51
C LYS B 56 -28.25 -16.80 5.37
N VAL B 57 -27.63 -16.41 6.49
CA VAL B 57 -26.34 -15.70 6.46
C VAL B 57 -25.43 -16.22 7.56
N ALA B 58 -24.13 -15.88 7.47
CA ALA B 58 -23.17 -16.13 8.55
C ALA B 58 -22.88 -14.83 9.27
N VAL B 59 -22.73 -14.91 10.58
CA VAL B 59 -22.57 -13.75 11.42
C VAL B 59 -21.34 -13.98 12.25
N LYS B 60 -20.41 -13.02 12.21
CA LYS B 60 -19.26 -13.08 13.06
C LYS B 60 -19.45 -12.10 14.22
N MET B 61 -19.15 -12.58 15.42
CA MET B 61 -19.22 -11.79 16.62
C MET B 61 -18.11 -12.25 17.54
N LEU B 62 -17.90 -11.51 18.61
CA LEU B 62 -16.88 -11.87 19.58
C LEU B 62 -17.33 -12.98 20.50
N LYS B 63 -16.35 -13.67 21.03
CA LYS B 63 -16.54 -14.68 22.04
C LYS B 63 -16.64 -13.83 23.30
N SER B 64 -17.34 -14.31 24.32
CA SER B 64 -17.48 -13.54 25.54
C SER B 64 -16.20 -13.26 26.26
N ASP B 65 -15.13 -13.95 25.90
CA ASP B 65 -13.87 -13.74 26.55
C ASP B 65 -12.98 -12.80 25.81
N ALA B 66 -13.52 -12.17 24.80
CA ALA B 66 -12.75 -11.27 23.92
C ALA B 66 -12.22 -10.04 24.66
N THR B 67 -11.31 -9.33 24.01
CA THR B 67 -10.61 -8.19 24.58
C THR B 67 -10.79 -6.94 23.71
N GLU B 68 -10.30 -5.81 24.20
CA GLU B 68 -10.27 -4.57 23.38
C GLU B 68 -9.58 -4.86 22.04
N LYS B 69 -8.43 -5.53 22.11
CA LYS B 69 -7.69 -6.06 20.94
C LYS B 69 -8.62 -6.79 19.96
N ASP B 70 -9.28 -7.85 20.40
CA ASP B 70 -10.12 -8.63 19.52
C ASP B 70 -11.23 -7.79 18.86
N LEU B 71 -11.79 -6.83 19.60
CA LEU B 71 -12.84 -5.97 19.05
C LEU B 71 -12.32 -5.09 17.91
N SER B 72 -11.15 -4.48 18.11
CA SER B 72 -10.52 -3.68 17.04
C SER B 72 -10.24 -4.52 15.81
N ASP B 73 -9.71 -5.73 16.02
CA ASP B 73 -9.52 -6.67 14.92
C ASP B 73 -10.83 -6.97 14.17
N LEU B 74 -11.94 -7.16 14.87
CA LEU B 74 -13.23 -7.43 14.20
C LEU B 74 -13.74 -6.20 13.43
N ILE B 75 -13.52 -5.02 14.00
CA ILE B 75 -13.90 -3.78 13.33
C ILE B 75 -13.10 -3.57 12.04
N SER B 76 -11.79 -3.84 12.08
CA SER B 76 -10.94 -3.68 10.89
C SER B 76 -11.37 -4.62 9.77
N GLU B 77 -11.56 -5.89 10.09
CA GLU B 77 -12.04 -6.86 9.09
C GLU B 77 -13.30 -6.33 8.41
N MET B 78 -14.29 -5.91 9.21
CA MET B 78 -15.51 -5.36 8.64
C MET B 78 -15.19 -4.18 7.72
N GLU B 79 -14.39 -3.24 8.19
CA GLU B 79 -14.05 -2.06 7.38
C GLU B 79 -13.25 -2.44 6.13
N MET B 80 -12.37 -3.43 6.23
CA MET B 80 -11.64 -3.90 5.05
C MET B 80 -12.64 -4.43 4.00
N MET B 81 -13.63 -5.19 4.44
CA MET B 81 -14.61 -5.75 3.51
C MET B 81 -15.40 -4.67 2.79
N LYS B 82 -15.74 -3.60 3.50
CA LYS B 82 -16.38 -2.45 2.86
C LYS B 82 -15.52 -1.84 1.74
N MET B 83 -14.23 -1.64 2.00
CA MET B 83 -13.32 -1.07 1.00
C MET B 83 -13.13 -1.99 -0.21
N ILE B 84 -13.05 -3.29 0.03
CA ILE B 84 -12.78 -4.25 -1.04
C ILE B 84 -13.93 -4.34 -2.04
N GLY B 85 -15.16 -4.14 -1.56
CA GLY B 85 -16.33 -4.20 -2.43
C GLY B 85 -16.74 -5.60 -2.82
N LYS B 86 -17.78 -5.68 -3.65
CA LYS B 86 -18.46 -6.93 -3.98
C LYS B 86 -17.89 -7.64 -5.18
N HIS B 87 -17.93 -8.96 -5.13
CA HIS B 87 -17.66 -9.82 -6.27
C HIS B 87 -18.20 -11.18 -5.91
N LYS B 88 -18.79 -11.88 -6.87
CA LYS B 88 -19.56 -13.07 -6.53
C LYS B 88 -18.72 -14.27 -6.07
N ASN B 89 -17.43 -14.29 -6.41
CA ASN B 89 -16.51 -15.36 -5.98
C ASN B 89 -15.64 -14.94 -4.78
N ILE B 90 -16.14 -13.99 -4.00
CA ILE B 90 -15.62 -13.79 -2.64
C ILE B 90 -16.80 -13.85 -1.66
N ILE B 91 -16.51 -14.15 -0.38
CA ILE B 91 -17.50 -13.99 0.67
C ILE B 91 -17.74 -12.50 0.89
N ASN B 92 -18.97 -12.04 0.63
CA ASN B 92 -19.28 -10.60 0.68
C ASN B 92 -19.95 -10.15 1.96
N LEU B 93 -19.73 -8.88 2.29
CA LEU B 93 -20.40 -8.22 3.39
C LEU B 93 -21.84 -7.96 2.99
N LEU B 94 -22.75 -8.29 3.91
CA LEU B 94 -24.18 -8.05 3.73
C LEU B 94 -24.69 -7.00 4.70
N GLY B 95 -24.15 -6.97 5.92
CA GLY B 95 -24.52 -5.94 6.86
C GLY B 95 -23.85 -6.05 8.22
N ALA B 96 -24.33 -5.25 9.16
CA ALA B 96 -23.82 -5.27 10.50
C ALA B 96 -24.85 -4.74 11.50
N CYS B 97 -24.76 -5.23 12.73
CA CYS B 97 -25.45 -4.64 13.86
C CYS B 97 -24.34 -4.14 14.76
N THR B 98 -24.25 -2.82 14.89
CA THR B 98 -23.13 -2.16 15.55
C THR B 98 -23.55 -1.40 16.82
N GLN B 99 -24.85 -1.13 16.97
CA GLN B 99 -25.36 -0.23 18.00
C GLN B 99 -26.06 -0.97 19.13
N ASP B 100 -25.86 -0.47 20.35
CA ASP B 100 -26.62 -0.92 21.52
C ASP B 100 -26.53 -2.42 21.67
N GLY B 101 -25.30 -2.93 21.77
CA GLY B 101 -25.06 -4.36 21.91
C GLY B 101 -23.86 -4.87 21.13
N PRO B 102 -23.63 -6.21 21.19
CA PRO B 102 -22.47 -6.82 20.58
C PRO B 102 -22.39 -6.58 19.08
N LEU B 103 -21.16 -6.44 18.58
CA LEU B 103 -20.94 -6.26 17.16
C LEU B 103 -21.24 -7.57 16.40
N TYR B 104 -22.18 -7.51 15.43
CA TYR B 104 -22.47 -8.62 14.51
C TYR B 104 -22.05 -8.19 13.10
N VAL B 105 -21.17 -8.96 12.48
CA VAL B 105 -20.74 -8.71 11.12
C VAL B 105 -21.39 -9.79 10.24
N ILE B 106 -22.27 -9.38 9.35
CA ILE B 106 -23.13 -10.31 8.64
C ILE B 106 -22.57 -10.49 7.24
N VAL B 107 -22.26 -11.72 6.87
CA VAL B 107 -21.73 -12.00 5.54
C VAL B 107 -22.52 -13.14 4.85
N GLU B 108 -22.14 -13.46 3.62
CA GLU B 108 -22.76 -14.58 2.88
C GLU B 108 -22.47 -15.95 3.51
N TYR B 109 -23.46 -16.84 3.41
CA TYR B 109 -23.42 -18.17 4.00
C TYR B 109 -23.11 -19.20 2.93
N ALA B 110 -22.21 -20.13 3.25
CA ALA B 110 -21.82 -21.18 2.32
C ALA B 110 -22.15 -22.55 2.90
N SER B 111 -23.25 -23.15 2.42
CA SER B 111 -23.78 -24.40 3.03
C SER B 111 -22.92 -25.65 2.84
N LYS B 112 -22.15 -25.70 1.76
CA LYS B 112 -21.46 -26.95 1.42
C LYS B 112 -20.01 -27.00 1.85
N GLY B 113 -19.63 -26.20 2.86
CA GLY B 113 -18.32 -26.33 3.48
C GLY B 113 -17.21 -25.65 2.69
N ASN B 114 -15.97 -25.79 3.18
CA ASN B 114 -14.83 -25.31 2.42
C ASN B 114 -14.58 -26.22 1.22
N LEU B 115 -13.72 -25.79 0.30
CA LEU B 115 -13.54 -26.52 -0.95
C LEU B 115 -12.89 -27.89 -0.72
N ARG B 116 -12.01 -28.01 0.28
CA ARG B 116 -11.37 -29.29 0.51
C ARG B 116 -12.44 -30.33 0.82
N GLU B 117 -13.29 -30.01 1.80
CA GLU B 117 -14.35 -30.90 2.28
C GLU B 117 -15.35 -31.22 1.18
N TYR B 118 -15.68 -30.21 0.39
CA TYR B 118 -16.57 -30.38 -0.75
C TYR B 118 -16.03 -31.40 -1.74
N LEU B 119 -14.73 -31.34 -2.00
CA LEU B 119 -14.10 -32.22 -2.97
C LEU B 119 -13.98 -33.66 -2.47
N GLN B 120 -13.55 -33.80 -1.21
CA GLN B 120 -13.42 -35.12 -0.57
C GLN B 120 -14.73 -35.87 -0.50
N ALA B 121 -15.81 -35.15 -0.20
CA ALA B 121 -17.13 -35.75 -0.11
C ALA B 121 -17.74 -36.08 -1.48
N ARG B 122 -17.01 -35.84 -2.57
CA ARG B 122 -17.50 -36.13 -3.93
C ARG B 122 -16.52 -36.96 -4.77
N ARG B 123 -15.71 -37.78 -4.11
CA ARG B 123 -14.68 -38.59 -4.79
C ARG B 123 -15.28 -39.82 -5.51
N PRO B 124 -14.82 -40.11 -6.75
CA PRO B 124 -15.37 -41.23 -7.55
C PRO B 124 -15.44 -42.59 -6.82
N GLN B 140 -20.99 -36.86 -7.80
CA GLN B 140 -19.70 -36.84 -8.44
C GLN B 140 -19.53 -35.55 -9.23
N LEU B 141 -18.30 -35.28 -9.62
CA LEU B 141 -17.98 -34.09 -10.33
C LEU B 141 -17.28 -34.45 -11.60
N SER B 142 -17.64 -33.78 -12.66
CA SER B 142 -17.03 -34.00 -13.95
C SER B 142 -15.75 -33.17 -14.05
N SER B 143 -14.96 -33.43 -15.08
CA SER B 143 -13.75 -32.65 -15.32
C SER B 143 -14.13 -31.18 -15.50
N LYS B 144 -15.26 -30.95 -16.16
CA LYS B 144 -15.77 -29.61 -16.37
C LYS B 144 -16.07 -28.87 -15.06
N ASP B 145 -16.68 -29.58 -14.10
CA ASP B 145 -16.95 -29.03 -12.77
C ASP B 145 -15.66 -28.62 -12.08
N LEU B 146 -14.64 -29.45 -12.22
CA LEU B 146 -13.37 -29.21 -11.57
C LEU B 146 -12.66 -28.00 -12.14
N VAL B 147 -12.61 -27.88 -13.47
CA VAL B 147 -11.96 -26.75 -14.11
C VAL B 147 -12.73 -25.48 -13.77
N SER B 148 -14.05 -25.59 -13.78
CA SER B 148 -14.94 -24.47 -13.49
C SER B 148 -14.71 -23.92 -12.08
N CYS B 149 -14.55 -24.84 -11.12
N CYS B 149 -14.58 -24.84 -11.13
CA CYS B 149 -14.14 -24.49 -9.76
CA CYS B 149 -14.12 -24.55 -9.76
C CYS B 149 -12.85 -23.68 -9.75
C CYS B 149 -12.89 -23.67 -9.81
N ALA B 150 -11.86 -24.12 -10.52
CA ALA B 150 -10.59 -23.44 -10.61
C ALA B 150 -10.76 -22.05 -11.22
N TYR B 151 -11.56 -21.98 -12.28
CA TYR B 151 -11.92 -20.72 -12.91
C TYR B 151 -12.44 -19.74 -11.86
N GLN B 152 -13.40 -20.20 -11.05
CA GLN B 152 -14.08 -19.31 -10.11
C GLN B 152 -13.11 -18.81 -9.02
N VAL B 153 -12.31 -19.72 -8.47
CA VAL B 153 -11.32 -19.35 -7.48
C VAL B 153 -10.38 -18.33 -8.12
N ALA B 154 -9.95 -18.61 -9.34
CA ALA B 154 -9.10 -17.67 -10.08
C ALA B 154 -9.76 -16.28 -10.27
N ARG B 155 -11.07 -16.26 -10.52
CA ARG B 155 -11.79 -15.01 -10.72
C ARG B 155 -11.88 -14.21 -9.44
N GLY B 156 -12.22 -14.88 -8.35
CA GLY B 156 -12.24 -14.23 -7.05
C GLY B 156 -10.89 -13.60 -6.76
N MET B 157 -9.81 -14.35 -7.01
CA MET B 157 -8.46 -13.84 -6.76
C MET B 157 -8.04 -12.67 -7.67
N GLU B 158 -8.49 -12.72 -8.92
CA GLU B 158 -8.23 -11.62 -9.84
C GLU B 158 -8.85 -10.35 -9.32
N TYR B 159 -10.11 -10.45 -8.85
CA TYR B 159 -10.78 -9.29 -8.30
C TYR B 159 -10.03 -8.76 -7.08
N LEU B 160 -9.72 -9.64 -6.13
CA LEU B 160 -8.99 -9.22 -4.93
C LEU B 160 -7.64 -8.58 -5.26
N ALA B 161 -6.89 -9.19 -6.17
CA ALA B 161 -5.65 -8.61 -6.64
C ALA B 161 -5.86 -7.23 -7.24
N SER B 162 -6.90 -7.07 -8.05
CA SER B 162 -7.19 -5.78 -8.67
C SER B 162 -7.44 -4.69 -7.62
N LYS B 163 -7.97 -5.09 -6.47
CA LYS B 163 -8.13 -4.20 -5.32
C LYS B 163 -6.91 -4.16 -4.39
N LYS B 164 -5.77 -4.65 -4.85
CA LYS B 164 -4.53 -4.60 -4.04
C LYS B 164 -4.56 -5.50 -2.79
N CYS B 165 -5.45 -6.49 -2.76
CA CYS B 165 -5.53 -7.41 -1.63
C CYS B 165 -4.69 -8.64 -1.95
N ILE B 166 -3.68 -8.86 -1.10
CA ILE B 166 -2.83 -10.04 -1.11
C ILE B 166 -3.38 -10.93 -0.01
N HIS B 167 -3.85 -12.13 -0.36
CA HIS B 167 -4.53 -13.02 0.60
C HIS B 167 -3.61 -13.55 1.69
N ARG B 168 -2.45 -14.06 1.28
CA ARG B 168 -1.42 -14.59 2.19
C ARG B 168 -1.58 -16.06 2.64
N ASP B 169 -2.80 -16.58 2.60
CA ASP B 169 -3.08 -17.95 3.02
C ASP B 169 -4.11 -18.61 2.08
N LEU B 170 -3.94 -18.41 0.80
CA LEU B 170 -4.85 -18.97 -0.18
C LEU B 170 -4.65 -20.48 -0.24
N ALA B 171 -5.74 -21.21 -0.08
CA ALA B 171 -5.72 -22.68 -0.08
C ALA B 171 -7.15 -23.13 -0.18
N ALA B 172 -7.42 -24.42 -0.39
CA ALA B 172 -8.79 -24.87 -0.62
C ALA B 172 -9.63 -24.73 0.63
N ARG B 173 -8.99 -24.87 1.79
CA ARG B 173 -9.64 -24.63 3.08
C ARG B 173 -10.15 -23.19 3.24
N ASN B 174 -9.55 -22.25 2.51
CA ASN B 174 -10.01 -20.87 2.52
C ASN B 174 -10.80 -20.49 1.27
N VAL B 175 -11.50 -21.47 0.70
CA VAL B 175 -12.52 -21.24 -0.31
C VAL B 175 -13.79 -21.94 0.19
N LEU B 176 -14.93 -21.26 0.16
CA LEU B 176 -16.20 -21.82 0.59
C LEU B 176 -17.13 -22.01 -0.61
N VAL B 177 -18.00 -23.02 -0.53
CA VAL B 177 -18.92 -23.36 -1.61
C VAL B 177 -20.38 -23.13 -1.22
N THR B 178 -21.06 -22.26 -1.93
CA THR B 178 -22.48 -21.98 -1.62
C THR B 178 -23.40 -23.16 -2.01
N GLU B 179 -24.69 -22.98 -1.70
CA GLU B 179 -25.76 -23.92 -2.07
C GLU B 179 -25.82 -24.15 -3.58
N ASP B 180 -25.66 -23.09 -4.35
CA ASP B 180 -25.61 -23.19 -5.81
C ASP B 180 -24.18 -23.46 -6.34
N ASN B 181 -23.30 -24.06 -5.52
CA ASN B 181 -21.95 -24.42 -5.97
C ASN B 181 -21.10 -23.25 -6.48
N VAL B 182 -21.31 -22.05 -5.93
CA VAL B 182 -20.48 -20.91 -6.27
C VAL B 182 -19.27 -20.93 -5.35
N MET B 183 -18.08 -20.77 -5.92
CA MET B 183 -16.85 -20.73 -5.14
C MET B 183 -16.64 -19.31 -4.63
N LYS B 184 -16.36 -19.18 -3.33
CA LYS B 184 -16.14 -17.88 -2.71
C LYS B 184 -14.88 -17.90 -1.85
N ILE B 185 -13.94 -17.00 -2.16
CA ILE B 185 -12.68 -16.87 -1.40
C ILE B 185 -13.01 -16.41 0.03
N ALA B 186 -12.46 -17.12 1.02
CA ALA B 186 -12.67 -16.83 2.44
C ALA B 186 -11.43 -16.19 3.10
N ASP B 187 -11.67 -15.36 4.13
CA ASP B 187 -10.61 -14.80 5.01
C ASP B 187 -9.52 -14.07 4.27
N PHE B 188 -9.95 -13.25 3.32
CA PHE B 188 -9.05 -12.56 2.41
C PHE B 188 -8.49 -11.21 2.89
N GLY B 189 -8.81 -10.75 4.08
CA GLY B 189 -8.23 -9.47 4.53
C GLY B 189 -7.12 -9.49 5.57
N LEU B 190 -6.63 -10.67 5.95
CA LEU B 190 -5.72 -10.79 7.11
C LEU B 190 -4.28 -10.34 6.82
N ALA B 191 -3.72 -9.60 7.78
CA ALA B 191 -2.39 -9.02 7.65
C ALA B 191 -1.29 -10.06 7.83
N LEU B 208 -0.49 -27.79 7.88
CA LEU B 208 0.66 -26.91 7.94
C LEU B 208 0.61 -25.93 6.74
N PRO B 209 0.21 -24.66 7.00
CA PRO B 209 0.02 -23.67 5.91
C PRO B 209 1.29 -23.33 5.13
N VAL B 210 2.45 -23.66 5.66
CA VAL B 210 3.70 -23.43 4.94
C VAL B 210 3.77 -24.24 3.62
N LYS B 211 3.01 -25.33 3.51
CA LYS B 211 2.98 -26.11 2.26
C LYS B 211 2.26 -25.41 1.10
N TRP B 212 1.62 -24.26 1.37
CA TRP B 212 1.08 -23.40 0.33
C TRP B 212 1.90 -22.14 0.04
N MET B 213 2.98 -21.94 0.82
CA MET B 213 3.81 -20.73 0.74
C MET B 213 4.82 -20.77 -0.39
N ALA B 214 4.87 -19.71 -1.19
CA ALA B 214 5.97 -19.55 -2.12
C ALA B 214 7.29 -19.49 -1.30
N PRO B 215 8.35 -20.19 -1.75
CA PRO B 215 9.62 -20.20 -0.99
C PRO B 215 10.22 -18.81 -0.71
N GLU B 216 10.18 -17.92 -1.69
CA GLU B 216 10.74 -16.59 -1.49
C GLU B 216 10.07 -15.78 -0.35
N ALA B 217 8.86 -16.16 0.07
CA ALA B 217 8.19 -15.52 1.20
C ALA B 217 8.94 -15.74 2.53
N LEU B 218 9.74 -16.81 2.61
CA LEU B 218 10.62 -17.03 3.77
C LEU B 218 11.85 -16.09 3.74
N PHE B 219 12.52 -15.97 2.59
CA PHE B 219 13.71 -15.09 2.50
C PHE B 219 13.36 -13.59 2.46
N ASP B 220 12.40 -13.21 1.62
CA ASP B 220 11.98 -11.81 1.55
C ASP B 220 11.29 -11.35 2.83
N ARG B 221 10.65 -12.30 3.55
CA ARG B 221 9.81 -11.99 4.70
C ARG B 221 8.52 -11.23 4.30
N ILE B 222 8.12 -11.33 3.03
CA ILE B 222 6.95 -10.60 2.53
C ILE B 222 6.17 -11.49 1.55
N TYR B 223 4.87 -11.61 1.78
CA TYR B 223 3.96 -12.19 0.80
C TYR B 223 3.67 -11.15 -0.27
N THR B 224 3.58 -11.59 -1.52
CA THR B 224 3.23 -10.73 -2.65
C THR B 224 2.06 -11.35 -3.43
N HIS B 225 1.60 -10.67 -4.47
CA HIS B 225 0.59 -11.26 -5.36
C HIS B 225 1.16 -12.49 -6.04
N GLN B 226 2.44 -12.43 -6.38
CA GLN B 226 3.13 -13.57 -7.01
C GLN B 226 3.18 -14.80 -6.11
N SER B 227 3.28 -14.58 -4.81
CA SER B 227 3.30 -15.70 -3.88
C SER B 227 1.91 -16.26 -3.71
N ASP B 228 0.89 -15.42 -3.84
CA ASP B 228 -0.50 -15.89 -3.94
C ASP B 228 -0.71 -16.81 -5.15
N VAL B 229 -0.05 -16.49 -6.26
CA VAL B 229 -0.15 -17.34 -7.46
C VAL B 229 0.47 -18.71 -7.17
N TRP B 230 1.60 -18.74 -6.46
CA TRP B 230 2.20 -20.02 -6.06
C TRP B 230 1.20 -20.86 -5.27
N SER B 231 0.59 -20.25 -4.24
CA SER B 231 -0.47 -20.90 -3.44
C SER B 231 -1.63 -21.40 -4.33
N PHE B 232 -1.97 -20.65 -5.36
CA PHE B 232 -3.04 -21.06 -6.29
C PHE B 232 -2.69 -22.35 -7.06
N GLY B 233 -1.43 -22.52 -7.42
CA GLY B 233 -0.97 -23.76 -8.02
C GLY B 233 -1.19 -24.95 -7.11
N VAL B 234 -0.93 -24.75 -5.81
CA VAL B 234 -1.18 -25.78 -4.82
C VAL B 234 -2.68 -26.07 -4.71
N LEU B 235 -3.47 -25.03 -4.82
CA LEU B 235 -4.91 -25.16 -4.75
C LEU B 235 -5.43 -25.89 -5.99
N LEU B 236 -4.82 -25.61 -7.14
CA LEU B 236 -5.15 -26.30 -8.39
C LEU B 236 -4.90 -27.79 -8.26
N TRP B 237 -3.75 -28.14 -7.68
CA TRP B 237 -3.40 -29.51 -7.34
C TRP B 237 -4.40 -30.14 -6.36
N GLU B 238 -4.79 -29.38 -5.33
CA GLU B 238 -5.82 -29.82 -4.40
C GLU B 238 -7.14 -30.09 -5.14
N ILE B 239 -7.48 -29.29 -6.14
CA ILE B 239 -8.71 -29.52 -6.91
C ILE B 239 -8.67 -30.84 -7.66
N PHE B 240 -7.61 -31.08 -8.42
CA PHE B 240 -7.53 -32.27 -9.27
C PHE B 240 -7.05 -33.55 -8.58
N THR B 241 -6.65 -33.46 -7.31
CA THR B 241 -6.56 -34.65 -6.46
C THR B 241 -7.79 -34.78 -5.60
N LEU B 242 -8.77 -33.91 -5.78
CA LEU B 242 -10.01 -33.96 -5.03
C LEU B 242 -9.78 -33.88 -3.53
N GLY B 243 -9.09 -32.82 -3.12
CA GLY B 243 -8.87 -32.54 -1.71
C GLY B 243 -7.69 -33.30 -1.11
N GLY B 244 -6.66 -33.57 -1.90
CA GLY B 244 -5.50 -34.29 -1.39
C GLY B 244 -4.62 -33.39 -0.56
N SER B 245 -3.71 -33.98 0.19
CA SER B 245 -2.86 -33.23 1.11
C SER B 245 -1.46 -33.09 0.54
N PRO B 246 -1.02 -31.85 0.27
CA PRO B 246 0.27 -31.65 -0.39
C PRO B 246 1.48 -32.13 0.43
N TYR B 247 2.47 -32.67 -0.27
CA TYR B 247 3.72 -33.12 0.33
C TYR B 247 3.47 -33.92 1.61
N PRO B 248 2.58 -34.92 1.57
CA PRO B 248 2.24 -35.60 2.82
C PRO B 248 3.47 -36.28 3.41
N GLY B 249 3.74 -35.98 4.68
CA GLY B 249 4.81 -36.62 5.41
C GLY B 249 6.13 -35.88 5.34
N VAL B 250 6.20 -34.75 4.63
CA VAL B 250 7.45 -34.00 4.48
C VAL B 250 7.48 -32.91 5.55
N PRO B 251 8.50 -32.93 6.43
CA PRO B 251 8.57 -31.82 7.40
C PRO B 251 9.06 -30.55 6.73
N VAL B 252 8.80 -29.43 7.39
CA VAL B 252 9.07 -28.11 6.83
C VAL B 252 10.48 -27.94 6.23
N GLU B 253 11.50 -28.33 7.00
CA GLU B 253 12.89 -28.12 6.56
C GLU B 253 13.18 -28.89 5.29
N GLU B 254 12.66 -30.12 5.19
CA GLU B 254 12.90 -30.99 4.03
C GLU B 254 12.17 -30.46 2.80
N LEU B 255 10.96 -29.94 3.04
CA LEU B 255 10.15 -29.33 1.97
C LEU B 255 10.95 -28.25 1.25
N PHE B 256 11.51 -27.33 2.01
CA PHE B 256 12.21 -26.18 1.42
C PHE B 256 13.53 -26.55 0.77
N LYS B 257 14.21 -27.55 1.32
CA LYS B 257 15.33 -28.17 0.63
C LYS B 257 14.87 -28.70 -0.74
N LEU B 258 13.83 -29.52 -0.75
CA LEU B 258 13.30 -30.09 -1.98
C LEU B 258 12.95 -29.00 -2.99
N LEU B 259 12.28 -27.94 -2.54
CA LEU B 259 11.81 -26.89 -3.43
C LEU B 259 12.97 -26.10 -4.01
N LYS B 260 13.99 -25.84 -3.18
CA LYS B 260 15.19 -25.13 -3.65
C LYS B 260 15.91 -25.94 -4.72
N GLU B 261 15.84 -27.25 -4.63
CA GLU B 261 16.45 -28.15 -5.60
C GLU B 261 15.59 -28.40 -6.83
N GLY B 262 14.45 -27.73 -6.95
CA GLY B 262 13.57 -27.86 -8.13
C GLY B 262 12.45 -28.89 -8.05
N HIS B 263 12.33 -29.57 -6.92
CA HIS B 263 11.24 -30.54 -6.72
C HIS B 263 9.87 -29.84 -6.76
N ARG B 264 8.91 -30.52 -7.36
CA ARG B 264 7.53 -30.06 -7.41
C ARG B 264 6.65 -31.31 -7.28
N MET B 265 5.39 -31.13 -6.90
CA MET B 265 4.50 -32.26 -6.77
C MET B 265 4.25 -32.83 -8.18
N ASP B 266 3.90 -34.10 -8.24
CA ASP B 266 3.65 -34.80 -9.50
C ASP B 266 2.22 -34.54 -10.01
N LYS B 267 2.03 -34.76 -11.31
CA LYS B 267 0.71 -34.57 -11.93
C LYS B 267 -0.31 -35.50 -11.28
N PRO B 268 -1.41 -34.96 -10.75
CA PRO B 268 -2.48 -35.82 -10.24
C PRO B 268 -2.97 -36.81 -11.32
N SER B 269 -3.44 -37.97 -10.86
CA SER B 269 -3.87 -39.07 -11.74
C SER B 269 -4.78 -38.66 -12.89
N ASN B 270 -5.89 -38.01 -12.58
CA ASN B 270 -6.80 -37.63 -13.66
C ASN B 270 -6.72 -36.11 -13.81
N CYS B 271 -5.69 -35.71 -14.53
CA CYS B 271 -5.40 -34.33 -14.78
C CYS B 271 -4.70 -34.26 -16.12
N THR B 272 -5.19 -33.36 -16.96
CA THR B 272 -4.60 -33.18 -18.27
C THR B 272 -3.23 -32.54 -18.09
N ASN B 273 -2.38 -32.69 -19.09
CA ASN B 273 -1.07 -32.09 -19.09
C ASN B 273 -1.18 -30.56 -19.11
N GLU B 274 -2.08 -30.02 -19.93
CA GLU B 274 -2.36 -28.58 -19.95
C GLU B 274 -2.57 -27.99 -18.53
N LEU B 275 -3.38 -28.66 -17.70
CA LEU B 275 -3.66 -28.17 -16.34
C LEU B 275 -2.48 -28.36 -15.40
N TYR B 276 -1.72 -29.44 -15.59
CA TYR B 276 -0.48 -29.66 -14.83
C TYR B 276 0.56 -28.62 -15.17
N MET B 277 0.66 -28.23 -16.44
CA MET B 277 1.61 -27.20 -16.84
C MET B 277 1.24 -25.84 -16.22
N MET B 278 -0.05 -25.60 -16.01
CA MET B 278 -0.48 -24.39 -15.29
C MET B 278 -0.05 -24.42 -13.81
N MET B 279 -0.19 -25.57 -13.16
CA MET B 279 0.37 -25.75 -11.81
C MET B 279 1.85 -25.39 -11.83
N ARG B 280 2.60 -26.05 -12.70
CA ARG B 280 4.03 -25.80 -12.84
C ARG B 280 4.34 -24.32 -13.11
N ASP B 281 3.53 -23.68 -13.96
CA ASP B 281 3.69 -22.22 -14.21
C ASP B 281 3.58 -21.43 -12.89
N CYS B 282 2.56 -21.73 -12.11
CA CYS B 282 2.34 -21.08 -10.82
C CYS B 282 3.50 -21.34 -9.85
N TRP B 283 4.18 -22.49 -9.99
CA TRP B 283 5.33 -22.82 -9.14
C TRP B 283 6.69 -22.46 -9.74
N HIS B 284 6.72 -21.55 -10.70
CA HIS B 284 8.00 -21.05 -11.17
C HIS B 284 8.78 -20.47 -9.97
N ALA B 285 10.07 -20.80 -9.93
CA ALA B 285 10.97 -20.38 -8.86
C ALA B 285 11.21 -18.87 -8.86
N VAL B 286 11.22 -18.28 -10.06
CA VAL B 286 11.33 -16.84 -10.23
C VAL B 286 9.94 -16.20 -10.29
N PRO B 287 9.55 -15.48 -9.20
CA PRO B 287 8.23 -14.90 -9.02
C PRO B 287 7.67 -14.17 -10.23
N SER B 288 8.53 -13.43 -10.92
CA SER B 288 8.08 -12.61 -12.04
C SER B 288 7.76 -13.44 -13.29
N GLN B 289 8.15 -14.71 -13.30
CA GLN B 289 7.85 -15.60 -14.45
C GLN B 289 6.51 -16.30 -14.28
N ARG B 290 5.92 -16.19 -13.09
CA ARG B 290 4.65 -16.85 -12.79
C ARG B 290 3.53 -16.08 -13.51
N PRO B 291 2.47 -16.78 -13.93
CA PRO B 291 1.30 -16.08 -14.49
C PRO B 291 0.66 -15.11 -13.49
N THR B 292 -0.07 -14.13 -13.99
CA THR B 292 -0.89 -13.29 -13.17
C THR B 292 -2.24 -13.94 -13.07
N PHE B 293 -3.00 -13.56 -12.05
CA PHE B 293 -4.34 -14.09 -11.92
C PHE B 293 -5.19 -13.69 -13.14
N LYS B 294 -4.90 -12.52 -13.70
CA LYS B 294 -5.51 -12.09 -14.95
C LYS B 294 -5.28 -13.11 -16.10
N GLN B 295 -4.03 -13.56 -16.32
CA GLN B 295 -3.72 -14.58 -17.33
CA GLN B 295 -3.76 -14.55 -17.35
C GLN B 295 -4.38 -15.91 -17.01
N LEU B 296 -4.37 -16.27 -15.71
CA LEU B 296 -4.94 -17.54 -15.26
C LEU B 296 -6.44 -17.64 -15.57
N VAL B 297 -7.12 -16.51 -15.40
CA VAL B 297 -8.54 -16.42 -15.65
C VAL B 297 -8.84 -16.58 -17.14
N GLU B 298 -8.10 -15.90 -18.01
CA GLU B 298 -8.29 -16.09 -19.46
C GLU B 298 -8.06 -17.53 -19.88
N ASP B 299 -6.95 -18.11 -19.43
CA ASP B 299 -6.61 -19.49 -19.77
C ASP B 299 -7.65 -20.45 -19.24
N LEU B 300 -8.08 -20.28 -18.01
CA LEU B 300 -9.08 -21.21 -17.44
C LEU B 300 -10.44 -21.02 -18.11
N ASP B 301 -10.77 -19.78 -18.48
CA ASP B 301 -12.01 -19.51 -19.16
C ASP B 301 -12.06 -20.41 -20.40
N ARG B 302 -11.04 -20.33 -21.24
CA ARG B 302 -10.96 -21.12 -22.47
C ARG B 302 -11.05 -22.63 -22.17
N ILE B 303 -10.29 -23.11 -21.20
CA ILE B 303 -10.28 -24.54 -20.87
C ILE B 303 -11.67 -25.01 -20.44
N VAL B 304 -12.39 -24.21 -19.68
CA VAL B 304 -13.76 -24.54 -19.28
C VAL B 304 -14.63 -24.81 -20.53
N ALA B 305 -14.59 -23.88 -21.46
CA ALA B 305 -15.32 -23.99 -22.74
C ALA B 305 -14.99 -25.29 -23.48
N LEU B 306 -13.71 -25.64 -23.53
CA LEU B 306 -13.24 -26.77 -24.33
C LEU B 306 -13.29 -28.13 -23.61
N THR B 307 -13.78 -28.16 -22.38
CA THR B 307 -13.81 -29.38 -21.58
C THR B 307 -15.22 -29.97 -21.58
N SER B 308 -15.32 -31.26 -21.83
CA SER B 308 -16.61 -31.94 -21.95
C SER B 308 -17.42 -32.10 -20.67
N ASN B 309 -18.73 -31.96 -20.78
CA ASN B 309 -19.62 -32.02 -19.61
C ASN B 309 -20.14 -33.43 -19.36
#